data_4TQD
#
_entry.id   4TQD
#
_cell.length_a   104.700
_cell.length_b   104.700
_cell.length_c   70.660
_cell.angle_alpha   90.00
_cell.angle_beta   90.00
_cell.angle_gamma   120.00
#
_symmetry.space_group_name_H-M   'P 64'
#
loop_
_entity.id
_entity.type
_entity.pdbx_description
1 polymer 'Pyrrolysine--tRNA ligase'
2 non-polymer 'MAGNESIUM ION'
3 non-polymer "ADENOSINE-5'-TRIPHOSPHATE"
4 non-polymer 3-iodo-L-phenylalanine
5 non-polymer 1,2-ETHANEDIOL
6 water water
#
_entity_poly.entity_id   1
_entity_poly.type   'polypeptide(L)'
_entity_poly.pdbx_seq_one_letter_code
;MGSSHHHHHHSSGLVPRGSHMASAPALTKSQTDRLEVLLNPKDEISLNSGKPFRELESELLSRRKKDLQQIYAEERENYL
GKLEREITRFFVDRGFLEIKSPILIPLEYIERMGIDNDTELSKQIFRVDKNFCLRPMLAPNLYNYLRKLDRALPDPIKIF
EIGPCYRKESDGKEHLEEFTMLSFIQMGSGCTRENLESIITDFLNHLGIDFKIVGDSCMVYGDTLDVMHGDLELSSAVVG
PIPLDREWGIDKPWIGAGFGLERLLKVKHDFKNIKRAARSESYYNGISTNL
;
_entity_poly.pdbx_strand_id   A
#
# COMPACT_ATOMS: atom_id res chain seq x y z
N PRO A 25 -31.81 2.01 27.99
CA PRO A 25 -31.88 3.24 27.19
C PRO A 25 -31.00 3.17 25.94
N ALA A 26 -30.71 4.33 25.35
CA ALA A 26 -29.90 4.37 24.15
C ALA A 26 -28.44 4.02 24.47
N LEU A 27 -27.70 3.52 23.48
CA LEU A 27 -26.27 3.30 23.60
C LEU A 27 -25.56 4.63 23.76
N THR A 28 -24.59 4.70 24.67
CA THR A 28 -23.75 5.89 24.71
C THR A 28 -22.86 5.88 23.45
N LYS A 29 -22.33 7.04 23.09
CA LYS A 29 -21.36 7.13 22.01
C LYS A 29 -20.12 6.24 22.31
N SER A 30 -19.65 6.23 23.57
CA SER A 30 -18.51 5.38 23.95
C SER A 30 -18.84 3.90 23.74
N GLN A 31 -20.05 3.49 24.12
CA GLN A 31 -20.46 2.10 23.96
C GLN A 31 -20.56 1.74 22.49
N THR A 32 -21.11 2.66 21.70
CA THR A 32 -21.21 2.46 20.25
C THR A 32 -19.82 2.34 19.60
N ASP A 33 -18.86 3.16 20.03
CA ASP A 33 -17.48 3.02 19.56
C ASP A 33 -16.92 1.64 19.88
N ARG A 34 -17.13 1.19 21.09
CA ARG A 34 -16.69 -0.14 21.51
C ARG A 34 -17.27 -1.24 20.64
N LEU A 35 -18.57 -1.17 20.36
CA LEU A 35 -19.23 -2.19 19.51
C LEU A 35 -18.66 -2.11 18.09
N GLU A 36 -18.40 -0.90 17.64
CA GLU A 36 -17.93 -0.70 16.25
C GLU A 36 -16.55 -1.34 16.08
N VAL A 37 -15.75 -1.31 17.15
CA VAL A 37 -14.48 -2.01 17.18
C VAL A 37 -14.66 -3.49 16.94
N LEU A 38 -15.72 -4.07 17.51
CA LEU A 38 -15.95 -5.53 17.46
C LEU A 38 -16.78 -5.95 16.25
N LEU A 39 -17.28 -4.97 15.53
CA LEU A 39 -18.21 -5.17 14.43
C LEU A 39 -17.42 -5.47 13.15
N ASN A 40 -17.76 -6.53 12.43
CA ASN A 40 -17.10 -6.79 11.16
C ASN A 40 -18.12 -6.53 10.02
N PRO A 41 -17.63 -6.10 8.84
CA PRO A 41 -18.47 -5.50 7.79
C PRO A 41 -19.82 -6.19 7.49
N LYS A 42 -19.92 -7.52 7.41
CA LYS A 42 -21.27 -8.08 7.20
C LYS A 42 -21.75 -8.98 8.38
N ASP A 43 -21.33 -8.61 9.60
CA ASP A 43 -22.20 -8.83 10.77
C ASP A 43 -23.52 -8.15 10.43
N GLU A 44 -24.64 -8.60 11.00
CA GLU A 44 -25.75 -7.70 11.28
C GLU A 44 -26.80 -8.40 12.11
N ASN A 48 -30.29 0.03 16.60
CA ASN A 48 -30.89 0.01 17.93
C ASN A 48 -31.94 -1.08 18.10
N SER A 49 -31.99 -1.64 19.30
CA SER A 49 -32.91 -2.72 19.60
C SER A 49 -33.18 -2.74 21.09
N GLY A 50 -34.04 -3.65 21.54
CA GLY A 50 -34.29 -3.81 22.95
C GLY A 50 -33.09 -4.40 23.66
N LYS A 51 -31.97 -4.48 22.95
CA LYS A 51 -30.80 -5.22 23.40
C LYS A 51 -29.80 -4.27 24.07
N PRO A 52 -29.50 -4.54 25.36
CA PRO A 52 -28.54 -3.67 26.07
C PRO A 52 -27.10 -3.91 25.60
N PHE A 53 -26.24 -2.94 25.90
CA PHE A 53 -24.83 -2.97 25.54
C PHE A 53 -24.15 -4.29 25.90
N ARG A 54 -24.28 -4.71 27.15
CA ARG A 54 -23.64 -5.91 27.69
C ARG A 54 -23.85 -7.15 26.80
N GLU A 55 -25.03 -7.23 26.19
CA GLU A 55 -25.41 -8.43 25.44
C GLU A 55 -24.98 -8.29 23.98
N LEU A 56 -25.12 -7.08 23.41
CA LEU A 56 -24.53 -6.79 22.11
C LEU A 56 -22.99 -7.05 22.16
N GLU A 57 -22.32 -6.58 23.23
CA GLU A 57 -20.88 -6.73 23.36
C GLU A 57 -20.53 -8.19 23.51
N SER A 58 -21.24 -8.89 24.39
CA SER A 58 -20.96 -10.32 24.53
C SER A 58 -21.21 -11.10 23.23
N GLU A 59 -22.24 -10.73 22.48
CA GLU A 59 -22.47 -11.42 21.21
C GLU A 59 -21.31 -11.18 20.22
N LEU A 60 -20.86 -9.94 20.09
CA LEU A 60 -19.77 -9.61 19.16
C LEU A 60 -18.44 -10.23 19.60
N LEU A 61 -18.20 -10.24 20.92
CA LEU A 61 -16.98 -10.85 21.47
C LEU A 61 -16.91 -12.31 21.07
N SER A 62 -18.06 -12.97 21.17
CA SER A 62 -18.16 -14.39 20.85
C SER A 62 -17.91 -14.62 19.35
N ARG A 63 -18.43 -13.76 18.50
CA ARG A 63 -18.23 -13.93 17.06
C ARG A 63 -16.77 -13.69 16.66
N ARG A 64 -16.13 -12.69 17.28
CA ARG A 64 -14.78 -12.34 16.93
C ARG A 64 -13.79 -13.37 17.43
N LYS A 65 -14.02 -13.93 18.61
CA LYS A 65 -13.18 -15.03 19.08
C LYS A 65 -13.28 -16.20 18.11
N LYS A 66 -14.50 -16.50 17.66
CA LYS A 66 -14.70 -17.61 16.73
C LYS A 66 -13.99 -17.35 15.39
N ASP A 67 -14.03 -16.11 14.90
CA ASP A 67 -13.27 -15.74 13.70
C ASP A 67 -11.77 -16.06 13.88
N LEU A 68 -11.20 -15.67 15.01
CA LEU A 68 -9.76 -15.90 15.23
C LEU A 68 -9.45 -17.38 15.33
N GLN A 69 -10.36 -18.12 16.01
CA GLN A 69 -10.24 -19.56 16.14
C GLN A 69 -10.25 -20.26 14.81
N GLN A 70 -11.12 -19.80 13.90
CA GLN A 70 -11.22 -20.36 12.56
C GLN A 70 -9.96 -20.10 11.72
N ILE A 71 -9.45 -18.87 11.77
CA ILE A 71 -8.15 -18.59 11.15
C ILE A 71 -7.07 -19.50 11.72
N TYR A 72 -7.07 -19.66 13.04
CA TYR A 72 -5.98 -20.37 13.70
C TYR A 72 -6.06 -21.86 13.33
N ALA A 73 -7.29 -22.35 13.17
CA ALA A 73 -7.52 -23.78 12.88
C ALA A 73 -7.23 -24.10 11.41
N GLU A 74 -7.44 -23.12 10.53
CA GLU A 74 -7.35 -23.39 9.10
C GLU A 74 -6.12 -22.71 8.49
N GLU A 75 -6.28 -21.51 8.00
CA GLU A 75 -5.22 -20.97 7.13
C GLU A 75 -3.99 -20.42 7.87
N ARG A 76 -4.21 -19.68 8.96
CA ARG A 76 -3.13 -19.11 9.79
C ARG A 76 -2.27 -18.05 9.10
N GLU A 77 -2.76 -17.50 7.99
CA GLU A 77 -2.03 -16.45 7.29
C GLU A 77 -2.54 -15.05 7.61
N ASN A 78 -1.59 -14.16 7.80
CA ASN A 78 -1.90 -12.74 7.97
C ASN A 78 -2.27 -12.14 6.62
N TYR A 79 -3.32 -11.32 6.59
CA TYR A 79 -3.78 -10.72 5.32
C TYR A 79 -2.74 -9.88 4.61
N LEU A 80 -1.98 -9.09 5.38
CA LEU A 80 -0.98 -8.22 4.79
CA LEU A 80 -0.99 -8.21 4.77
C LEU A 80 0.14 -9.06 4.20
N GLY A 81 0.58 -10.07 4.95
CA GLY A 81 1.64 -10.92 4.42
C GLY A 81 1.14 -11.69 3.19
N LYS A 82 -0.09 -12.22 3.29
CA LYS A 82 -0.69 -12.96 2.21
C LYS A 82 -0.85 -12.11 0.95
N LEU A 83 -1.37 -10.90 1.08
CA LEU A 83 -1.52 -10.00 -0.06
C LEU A 83 -0.16 -9.77 -0.72
N GLU A 84 0.85 -9.53 0.10
CA GLU A 84 2.19 -9.35 -0.42
C GLU A 84 2.64 -10.58 -1.24
N ARG A 85 2.40 -11.80 -0.74
CA ARG A 85 2.79 -13.01 -1.50
C ARG A 85 2.01 -13.12 -2.82
N GLU A 86 0.73 -12.73 -2.79
CA GLU A 86 -0.10 -12.82 -3.98
C GLU A 86 0.35 -11.79 -5.01
N ILE A 87 0.63 -10.56 -4.55
CA ILE A 87 1.10 -9.52 -5.47
C ILE A 87 2.47 -9.90 -6.03
N THR A 88 3.34 -10.44 -5.18
CA THR A 88 4.65 -10.93 -5.62
C THR A 88 4.54 -11.95 -6.77
N ARG A 89 3.67 -12.94 -6.60
CA ARG A 89 3.43 -13.97 -7.61
C ARG A 89 2.98 -13.34 -8.93
N PHE A 90 2.04 -12.40 -8.84
CA PHE A 90 1.50 -11.73 -10.00
C PHE A 90 2.62 -11.07 -10.81
N PHE A 91 3.48 -10.29 -10.16
CA PHE A 91 4.49 -9.55 -10.94
C PHE A 91 5.64 -10.45 -11.35
N VAL A 92 6.02 -11.41 -10.53
CA VAL A 92 7.07 -12.33 -10.94
C VAL A 92 6.60 -13.05 -12.20
N ASP A 93 5.36 -13.52 -12.21
CA ASP A 93 4.82 -14.27 -13.34
C ASP A 93 4.71 -13.40 -14.60
N ARG A 94 4.63 -12.07 -14.45
CA ARG A 94 4.55 -11.19 -15.62
C ARG A 94 5.91 -10.62 -15.97
N GLY A 95 6.97 -11.21 -15.43
CA GLY A 95 8.31 -10.83 -15.90
C GLY A 95 9.04 -9.77 -15.07
N PHE A 96 8.52 -9.42 -13.89
CA PHE A 96 9.16 -8.37 -13.09
C PHE A 96 10.07 -9.01 -12.05
N LEU A 97 11.29 -8.49 -11.95
CA LEU A 97 12.29 -8.91 -10.97
C LEU A 97 11.96 -8.42 -9.56
N GLU A 98 11.90 -9.32 -8.57
CA GLU A 98 11.53 -8.98 -7.17
C GLU A 98 12.70 -8.30 -6.46
N ILE A 99 12.48 -7.07 -5.99
CA ILE A 99 13.54 -6.33 -5.29
C ILE A 99 13.25 -6.27 -3.78
N LYS A 100 14.30 -6.40 -2.96
CA LYS A 100 14.25 -6.10 -1.51
C LYS A 100 15.40 -5.15 -1.16
N SER A 101 15.08 -3.87 -1.05
CA SER A 101 16.07 -2.83 -0.86
C SER A 101 15.88 -2.20 0.54
N PRO A 102 16.83 -1.33 0.95
CA PRO A 102 16.76 -0.84 2.34
C PRO A 102 15.50 -0.02 2.61
N ILE A 103 15.05 -0.10 3.85
CA ILE A 103 13.94 0.70 4.34
C ILE A 103 14.48 1.98 4.95
N LEU A 104 15.60 1.82 5.64
CA LEU A 104 16.39 2.93 6.17
CA LEU A 104 16.38 2.93 6.17
C LEU A 104 17.29 3.46 5.06
N ILE A 105 17.03 4.67 4.56
CA ILE A 105 17.75 5.18 3.40
C ILE A 105 18.45 6.50 3.67
N PRO A 106 19.48 6.85 2.85
CA PRO A 106 20.12 8.15 3.05
C PRO A 106 19.12 9.28 2.92
N LEU A 107 19.26 10.23 3.82
CA LEU A 107 18.48 11.44 3.80
C LEU A 107 18.64 12.19 2.47
N GLU A 108 19.83 12.11 1.84
CA GLU A 108 20.03 12.84 0.58
C GLU A 108 19.16 12.31 -0.54
N TYR A 109 18.66 11.07 -0.42
CA TYR A 109 17.77 10.54 -1.47
C TYR A 109 16.53 11.39 -1.53
N ILE A 110 16.14 11.94 -0.39
CA ILE A 110 14.91 12.73 -0.34
C ILE A 110 15.02 14.03 -1.17
N GLU A 111 16.06 14.82 -0.93
CA GLU A 111 16.25 16.00 -1.78
C GLU A 111 16.51 15.60 -3.22
N ARG A 112 17.26 14.54 -3.45
CA ARG A 112 17.52 14.12 -4.83
C ARG A 112 16.24 13.66 -5.52
N MET A 113 15.20 13.39 -4.74
CA MET A 113 13.90 13.08 -5.33
C MET A 113 13.15 14.37 -5.67
N GLY A 114 13.78 15.51 -5.46
CA GLY A 114 13.11 16.79 -5.68
C GLY A 114 12.07 17.13 -4.61
N ILE A 115 12.23 16.55 -3.42
CA ILE A 115 11.33 16.84 -2.32
C ILE A 115 11.99 17.96 -1.54
N ASP A 116 11.69 19.19 -1.91
CA ASP A 116 12.25 20.34 -1.23
C ASP A 116 11.22 20.89 -0.25
N ASN A 117 11.63 21.82 0.61
CA ASN A 117 10.77 22.41 1.67
C ASN A 117 9.49 23.09 1.18
N ASP A 118 9.33 23.07 -0.15
CA ASP A 118 8.19 23.58 -0.91
C ASP A 118 7.07 22.52 -0.96
N THR A 119 7.47 21.24 -0.99
CA THR A 119 6.52 20.11 -1.13
C THR A 119 5.92 19.66 0.22
N GLU A 120 4.72 19.10 0.18
CA GLU A 120 4.06 18.58 1.38
C GLU A 120 4.89 17.48 2.05
N LEU A 121 5.48 16.63 1.20
CA LEU A 121 6.24 15.48 1.63
C LEU A 121 7.44 15.80 2.53
N SER A 122 8.09 16.96 2.33
CA SER A 122 9.28 17.33 3.10
C SER A 122 8.99 17.34 4.60
N LYS A 123 7.77 17.72 4.94
CA LYS A 123 7.31 17.77 6.33
C LYS A 123 6.92 16.38 6.86
N GLN A 124 6.83 15.38 5.97
CA GLN A 124 6.31 14.09 6.41
C GLN A 124 7.39 13.04 6.68
N ILE A 125 8.66 13.44 6.52
CA ILE A 125 9.80 12.50 6.63
C ILE A 125 10.14 12.16 8.08
N PHE A 126 10.19 10.86 8.41
CA PHE A 126 10.73 10.42 9.70
C PHE A 126 12.24 10.35 9.58
N ARG A 127 12.96 11.25 10.24
CA ARG A 127 14.42 11.25 10.17
C ARG A 127 14.99 10.30 11.22
N VAL A 128 16.14 9.70 10.92
CA VAL A 128 16.81 8.77 11.83
C VAL A 128 18.27 9.17 11.85
N ASP A 129 18.83 9.40 13.04
CA ASP A 129 20.21 9.94 13.12
C ASP A 129 20.36 11.23 12.32
N LYS A 130 21.59 11.48 11.90
CA LYS A 130 21.95 12.70 11.21
C LYS A 130 21.70 12.54 9.72
N ASN A 131 21.99 11.35 9.20
CA ASN A 131 22.06 11.15 7.75
C ASN A 131 21.07 10.17 7.13
N PHE A 132 20.13 9.66 7.91
CA PHE A 132 19.19 8.67 7.39
C PHE A 132 17.75 9.05 7.67
N CYS A 133 16.84 8.31 7.04
CA CYS A 133 15.40 8.51 7.24
C CYS A 133 14.70 7.22 6.86
N LEU A 134 13.45 7.07 7.28
CA LEU A 134 12.61 5.96 6.83
C LEU A 134 12.05 6.35 5.47
N ARG A 135 12.19 5.47 4.47
CA ARG A 135 11.75 5.78 3.13
C ARG A 135 10.25 6.05 3.13
N PRO A 136 9.83 7.15 2.50
CA PRO A 136 8.40 7.48 2.35
C PRO A 136 7.83 6.90 1.05
N MET A 137 8.69 6.32 0.22
CA MET A 137 8.30 5.73 -1.07
C MET A 137 9.44 4.84 -1.52
N LEU A 138 9.18 3.99 -2.51
CA LEU A 138 10.17 3.06 -3.03
C LEU A 138 11.07 3.66 -4.13
N ALA A 139 10.61 4.74 -4.77
CA ALA A 139 11.23 5.31 -5.97
C ALA A 139 12.75 5.51 -5.94
N PRO A 140 13.32 6.16 -4.89
CA PRO A 140 14.76 6.37 -5.01
C PRO A 140 15.59 5.07 -5.15
N ASN A 141 15.31 4.06 -4.32
CA ASN A 141 16.02 2.80 -4.42
C ASN A 141 15.78 2.15 -5.80
N LEU A 142 14.56 2.23 -6.31
CA LEU A 142 14.26 1.57 -7.59
C LEU A 142 14.95 2.31 -8.76
N TYR A 143 15.04 3.65 -8.67
CA TYR A 143 15.85 4.43 -9.62
C TYR A 143 17.27 3.86 -9.66
N ASN A 144 17.88 3.67 -8.49
CA ASN A 144 19.24 3.16 -8.44
C ASN A 144 19.30 1.75 -9.04
N TYR A 145 18.31 0.91 -8.73
CA TYR A 145 18.31 -0.44 -9.34
C TYR A 145 18.17 -0.38 -10.89
N LEU A 146 17.30 0.50 -11.38
CA LEU A 146 17.10 0.67 -12.84
C LEU A 146 18.43 0.97 -13.55
N ARG A 147 19.19 1.92 -13.00
CA ARG A 147 20.46 2.33 -13.60
C ARG A 147 21.49 1.20 -13.58
N LYS A 148 21.61 0.53 -12.43
CA LYS A 148 22.60 -0.52 -12.30
C LYS A 148 22.24 -1.75 -13.12
N LEU A 149 20.96 -2.09 -13.13
CA LEU A 149 20.53 -3.32 -13.81
C LEU A 149 20.58 -3.13 -15.32
N ASP A 150 20.48 -1.88 -15.78
CA ASP A 150 20.59 -1.61 -17.20
C ASP A 150 21.94 -2.01 -17.76
N ARG A 151 22.94 -2.21 -16.92
CA ARG A 151 24.23 -2.69 -17.39
C ARG A 151 24.26 -4.19 -17.56
N ALA A 152 23.24 -4.89 -17.06
CA ALA A 152 23.31 -6.37 -17.03
C ALA A 152 22.16 -7.06 -17.76
N LEU A 153 21.03 -6.40 -17.81
CA LEU A 153 19.78 -7.05 -18.18
C LEU A 153 19.32 -6.53 -19.52
N PRO A 154 18.68 -7.40 -20.31
CA PRO A 154 18.15 -7.05 -21.63
C PRO A 154 16.93 -6.19 -21.49
N ASP A 155 16.72 -5.37 -22.50
CA ASP A 155 15.57 -4.49 -22.63
C ASP A 155 14.27 -5.28 -22.92
N PRO A 156 13.15 -4.95 -22.24
CA PRO A 156 13.00 -3.88 -21.24
C PRO A 156 13.30 -4.41 -19.83
N ILE A 157 13.64 -3.47 -18.97
CA ILE A 157 13.94 -3.79 -17.59
C ILE A 157 12.67 -3.64 -16.76
N LYS A 158 12.27 -4.74 -16.11
CA LYS A 158 11.01 -4.80 -15.34
C LYS A 158 11.32 -5.21 -13.91
N ILE A 159 11.00 -4.34 -12.94
CA ILE A 159 11.28 -4.65 -11.53
C ILE A 159 10.12 -4.19 -10.66
N PHE A 160 10.07 -4.69 -9.44
CA PHE A 160 9.05 -4.26 -8.50
C PHE A 160 9.59 -4.50 -7.10
N GLU A 161 9.07 -3.75 -6.14
CA GLU A 161 9.34 -4.02 -4.73
C GLU A 161 8.04 -3.86 -3.95
N ILE A 162 7.89 -4.65 -2.91
CA ILE A 162 6.85 -4.45 -1.92
C ILE A 162 7.49 -4.29 -0.56
N GLY A 163 7.17 -3.25 0.19
CA GLY A 163 7.66 -3.20 1.56
C GLY A 163 7.25 -1.98 2.34
N PRO A 164 7.66 -1.92 3.63
CA PRO A 164 7.35 -0.79 4.52
C PRO A 164 7.77 0.57 3.95
N CYS A 165 6.87 1.53 4.08
CA CYS A 165 7.14 2.96 3.87
C CYS A 165 6.49 3.77 5.02
N TYR A 166 7.02 4.97 5.26
CA TYR A 166 6.71 5.78 6.45
C TYR A 166 6.46 7.23 6.07
N ARG A 167 5.33 7.74 6.53
CA ARG A 167 4.99 9.15 6.37
C ARG A 167 4.27 9.67 7.62
N LYS A 168 4.71 10.81 8.16
CA LYS A 168 3.94 11.51 9.20
C LYS A 168 2.65 12.01 8.55
N GLU A 169 1.52 11.66 9.13
CA GLU A 169 0.21 12.00 8.56
C GLU A 169 -0.69 12.57 9.67
N SER A 170 -1.49 13.58 9.34
CA SER A 170 -2.43 14.15 10.31
C SER A 170 -3.75 13.36 10.31
N ASP A 171 -4.13 12.97 9.10
CA ASP A 171 -5.33 12.21 8.86
C ASP A 171 -5.22 10.75 9.33
N GLY A 172 -6.35 10.13 9.67
CA GLY A 172 -6.28 8.81 10.23
C GLY A 172 -7.15 7.74 9.59
N LYS A 173 -8.05 8.12 8.69
CA LYS A 173 -9.04 7.16 8.23
C LYS A 173 -8.60 6.46 6.93
N GLU A 174 -7.80 7.16 6.14
CA GLU A 174 -7.26 6.58 4.92
C GLU A 174 -5.73 6.57 4.94
N HIS A 175 -5.12 7.08 6.03
CA HIS A 175 -3.66 7.18 6.11
C HIS A 175 -3.10 6.43 7.32
N LEU A 176 -1.97 5.76 7.12
CA LEU A 176 -1.20 5.20 8.19
C LEU A 176 0.15 5.87 8.17
N GLU A 177 0.80 5.96 9.32
CA GLU A 177 2.14 6.49 9.34
C GLU A 177 3.11 5.41 8.95
N GLU A 178 2.74 4.17 9.23
CA GLU A 178 3.52 3.01 8.80
C GLU A 178 2.70 2.21 7.82
N PHE A 179 3.05 2.22 6.53
CA PHE A 179 2.24 1.49 5.58
C PHE A 179 3.15 0.64 4.68
N THR A 180 2.56 0.05 3.65
CA THR A 180 3.27 -0.88 2.78
C THR A 180 2.97 -0.48 1.36
N MET A 181 4.03 -0.24 0.60
CA MET A 181 3.88 0.14 -0.80
C MET A 181 4.27 -0.99 -1.75
N LEU A 182 3.51 -1.16 -2.81
CA LEU A 182 3.95 -1.90 -3.98
C LEU A 182 4.37 -0.87 -5.03
N SER A 183 5.59 -0.97 -5.56
CA SER A 183 5.90 -0.16 -6.73
C SER A 183 6.45 -1.06 -7.78
N PHE A 184 5.94 -0.92 -9.00
CA PHE A 184 6.54 -1.63 -10.14
C PHE A 184 6.96 -0.65 -11.23
N ILE A 185 7.99 -1.00 -12.00
CA ILE A 185 8.51 -0.13 -13.07
C ILE A 185 8.92 -0.94 -14.29
N GLN A 186 8.59 -0.48 -15.48
CA GLN A 186 9.19 -1.03 -16.70
C GLN A 186 9.98 0.09 -17.37
N MET A 187 11.19 -0.22 -17.84
CA MET A 187 12.04 0.79 -18.46
C MET A 187 12.63 0.32 -19.81
N GLY A 188 12.58 1.19 -20.83
CA GLY A 188 13.09 0.84 -22.15
C GLY A 188 11.91 0.73 -23.14
N SER A 189 11.85 -0.37 -23.88
N SER A 189 11.86 -0.38 -23.88
CA SER A 189 10.78 -0.56 -24.88
CA SER A 189 10.79 -0.61 -24.86
C SER A 189 9.43 -0.86 -24.24
C SER A 189 9.43 -0.80 -24.21
N GLY A 190 8.36 -0.49 -24.95
CA GLY A 190 7.01 -0.78 -24.50
C GLY A 190 6.48 0.11 -23.38
N CYS A 191 7.14 1.22 -23.13
CA CYS A 191 6.73 2.06 -22.00
C CYS A 191 5.70 3.08 -22.42
N THR A 192 4.54 2.57 -22.78
CA THR A 192 3.41 3.40 -23.17
C THR A 192 2.36 3.51 -22.09
N ARG A 193 1.54 4.54 -22.22
CA ARG A 193 0.44 4.73 -21.30
C ARG A 193 -0.53 3.56 -21.38
N GLU A 194 -0.73 3.04 -22.60
CA GLU A 194 -1.61 1.89 -22.76
C GLU A 194 -1.08 0.66 -22.04
N ASN A 195 0.23 0.37 -22.13
CA ASN A 195 0.81 -0.77 -21.42
CA ASN A 195 0.74 -0.79 -21.43
C ASN A 195 0.68 -0.55 -19.92
N LEU A 196 0.93 0.69 -19.47
CA LEU A 196 0.79 0.98 -18.06
C LEU A 196 -0.64 0.70 -17.59
N GLU A 197 -1.63 1.27 -18.28
CA GLU A 197 -3.03 1.07 -17.87
C GLU A 197 -3.43 -0.40 -17.93
N SER A 198 -2.85 -1.14 -18.86
CA SER A 198 -3.15 -2.56 -18.99
C SER A 198 -2.65 -3.40 -17.80
N ILE A 199 -1.43 -3.12 -17.34
CA ILE A 199 -0.91 -3.82 -16.17
C ILE A 199 -1.78 -3.52 -14.94
N ILE A 200 -2.08 -2.25 -14.74
CA ILE A 200 -2.93 -1.81 -13.64
C ILE A 200 -4.26 -2.56 -13.69
N THR A 201 -4.82 -2.61 -14.89
CA THR A 201 -6.12 -3.18 -15.09
C THR A 201 -6.07 -4.67 -14.83
N ASP A 202 -5.11 -5.38 -15.41
CA ASP A 202 -5.00 -6.83 -15.14
C ASP A 202 -4.78 -7.07 -13.63
N PHE A 203 -3.96 -6.23 -13.01
CA PHE A 203 -3.60 -6.38 -11.60
C PHE A 203 -4.84 -6.29 -10.69
N LEU A 204 -5.57 -5.20 -10.81
CA LEU A 204 -6.73 -4.98 -9.94
C LEU A 204 -7.88 -5.93 -10.23
N ASN A 205 -8.10 -6.31 -11.51
CA ASN A 205 -9.09 -7.36 -11.81
C ASN A 205 -8.69 -8.72 -11.26
N HIS A 206 -7.38 -8.96 -11.21
CA HIS A 206 -6.87 -10.21 -10.60
C HIS A 206 -7.16 -10.24 -9.10
N LEU A 207 -6.94 -9.09 -8.44
CA LEU A 207 -7.20 -8.96 -6.98
C LEU A 207 -8.70 -8.88 -6.70
N GLY A 208 -9.52 -8.53 -7.70
CA GLY A 208 -10.95 -8.41 -7.45
C GLY A 208 -11.29 -7.05 -6.84
N ILE A 209 -10.59 -6.00 -7.25
CA ILE A 209 -10.82 -4.65 -6.72
C ILE A 209 -11.34 -3.67 -7.79
N ASP A 210 -12.46 -3.00 -7.51
CA ASP A 210 -13.10 -2.08 -8.46
C ASP A 210 -12.27 -0.80 -8.52
N PHE A 211 -12.16 -0.17 -9.69
CA PHE A 211 -11.32 1.02 -9.80
C PHE A 211 -11.71 1.86 -11.01
N LYS A 212 -11.17 3.06 -11.06
CA LYS A 212 -11.22 3.88 -12.26
C LYS A 212 -9.87 4.58 -12.38
N ILE A 213 -9.38 4.72 -13.60
CA ILE A 213 -8.15 5.45 -13.82
C ILE A 213 -8.51 6.89 -14.19
N VAL A 214 -7.92 7.84 -13.47
CA VAL A 214 -8.20 9.26 -13.64
C VAL A 214 -6.94 10.01 -14.06
N GLY A 215 -6.99 10.68 -15.23
CA GLY A 215 -5.86 11.43 -15.76
C GLY A 215 -6.23 12.82 -16.25
N GLY A 222 5.69 14.42 -18.03
CA GLY A 222 5.04 13.16 -18.35
C GLY A 222 3.63 13.03 -17.79
N ASP A 223 2.87 12.06 -18.30
CA ASP A 223 1.51 11.77 -17.80
C ASP A 223 1.53 11.24 -16.35
N THR A 224 0.59 11.76 -15.55
CA THR A 224 0.36 11.34 -14.17
C THR A 224 -1.08 10.88 -13.95
N LEU A 225 -1.25 9.60 -13.64
CA LEU A 225 -2.57 9.01 -13.52
C LEU A 225 -2.78 8.53 -12.10
N ASP A 226 -3.99 8.72 -11.59
CA ASP A 226 -4.32 8.21 -10.27
C ASP A 226 -5.38 7.14 -10.43
N VAL A 227 -5.16 6.02 -9.73
CA VAL A 227 -6.07 4.90 -9.74
C VAL A 227 -6.93 5.02 -8.49
N MET A 228 -8.23 5.22 -8.70
CA MET A 228 -9.17 5.57 -7.64
C MET A 228 -10.13 4.46 -7.36
N HIS A 229 -10.48 4.31 -6.08
CA HIS A 229 -11.64 3.51 -5.71
C HIS A 229 -12.64 4.45 -5.01
N GLY A 230 -13.70 4.82 -5.73
CA GLY A 230 -14.57 5.92 -5.28
C GLY A 230 -13.66 7.12 -5.06
N ASP A 231 -13.65 7.65 -3.84
CA ASP A 231 -12.78 8.79 -3.52
C ASP A 231 -11.41 8.38 -2.93
N LEU A 232 -11.16 7.08 -2.79
CA LEU A 232 -9.92 6.61 -2.19
C LEU A 232 -8.83 6.40 -3.28
N GLU A 233 -7.68 7.05 -3.12
CA GLU A 233 -6.56 6.83 -4.02
C GLU A 233 -5.82 5.51 -3.74
N LEU A 234 -5.84 4.59 -4.70
CA LEU A 234 -5.15 3.32 -4.56
C LEU A 234 -3.72 3.40 -5.04
N SER A 235 -3.50 4.28 -6.02
CA SER A 235 -2.20 4.35 -6.67
C SER A 235 -2.00 5.70 -7.36
N SER A 236 -0.75 6.17 -7.38
CA SER A 236 -0.28 7.13 -8.38
C SER A 236 0.64 6.44 -9.34
N ALA A 237 0.34 6.64 -10.63
CA ALA A 237 1.09 6.02 -11.70
C ALA A 237 1.70 7.10 -12.58
N VAL A 238 2.84 6.82 -13.20
CA VAL A 238 3.56 7.82 -14.00
C VAL A 238 4.06 7.22 -15.33
N VAL A 239 3.88 7.97 -16.42
CA VAL A 239 4.52 7.66 -17.71
C VAL A 239 5.71 8.59 -17.89
N GLY A 240 6.92 8.03 -17.88
CA GLY A 240 8.13 8.80 -18.04
C GLY A 240 8.47 8.89 -19.53
N PRO A 241 9.57 9.56 -19.89
CA PRO A 241 10.56 10.15 -18.97
C PRO A 241 10.03 11.38 -18.27
N ILE A 242 10.67 11.76 -17.18
CA ILE A 242 10.39 13.03 -16.51
C ILE A 242 11.73 13.67 -16.25
N PRO A 243 11.76 14.98 -16.00
CA PRO A 243 13.10 15.60 -15.90
C PRO A 243 13.95 15.08 -14.72
N LEU A 244 13.28 14.74 -13.62
CA LEU A 244 13.92 14.09 -12.46
C LEU A 244 14.82 12.90 -12.81
N ASP A 245 14.48 12.13 -13.84
CA ASP A 245 15.29 10.96 -14.23
C ASP A 245 16.78 11.21 -14.30
N ARG A 246 17.16 12.35 -14.85
CA ARG A 246 18.57 12.62 -15.11
C ARG A 246 19.38 12.71 -13.81
N GLU A 247 18.75 13.16 -12.71
CA GLU A 247 19.45 13.16 -11.40
C GLU A 247 19.92 11.76 -10.99
N TRP A 248 19.20 10.75 -11.50
CA TRP A 248 19.43 9.36 -11.11
C TRP A 248 20.16 8.59 -12.20
N GLY A 249 20.59 9.28 -13.25
CA GLY A 249 21.35 8.61 -14.30
C GLY A 249 20.44 7.79 -15.19
N ILE A 250 19.18 8.16 -15.26
CA ILE A 250 18.21 7.41 -16.06
C ILE A 250 17.97 8.22 -17.32
N ASP A 251 18.08 7.58 -18.49
CA ASP A 251 17.84 8.29 -19.76
C ASP A 251 17.01 7.46 -20.75
N LYS A 252 16.05 6.69 -20.24
CA LYS A 252 15.21 5.83 -21.07
C LYS A 252 13.75 6.09 -20.75
N PRO A 253 12.84 5.76 -21.69
CA PRO A 253 11.42 5.81 -21.32
C PRO A 253 11.09 4.84 -20.17
N TRP A 254 10.08 5.16 -19.38
CA TRP A 254 9.66 4.20 -18.35
C TRP A 254 8.22 4.43 -17.99
N ILE A 255 7.60 3.41 -17.41
CA ILE A 255 6.25 3.50 -16.85
C ILE A 255 6.28 2.85 -15.47
N GLY A 256 5.46 3.33 -14.55
CA GLY A 256 5.44 2.70 -13.24
C GLY A 256 4.29 3.19 -12.38
N ALA A 257 4.14 2.56 -11.22
CA ALA A 257 3.04 2.93 -10.33
C ALA A 257 3.38 2.50 -8.92
N GLY A 258 2.78 3.17 -7.94
CA GLY A 258 2.93 2.82 -6.54
C GLY A 258 1.57 2.67 -5.91
N PHE A 259 1.37 1.55 -5.21
CA PHE A 259 0.08 1.16 -4.61
C PHE A 259 0.24 1.01 -3.10
N GLY A 260 -0.78 1.38 -2.32
CA GLY A 260 -0.75 1.08 -0.88
C GLY A 260 -1.42 -0.26 -0.62
N LEU A 261 -0.68 -1.23 -0.07
CA LEU A 261 -1.31 -2.51 0.23
C LEU A 261 -2.46 -2.43 1.25
N GLU A 262 -2.28 -1.62 2.28
CA GLU A 262 -3.37 -1.51 3.30
C GLU A 262 -4.64 -0.92 2.67
N ARG A 263 -4.50 0.04 1.75
CA ARG A 263 -5.66 0.56 1.02
C ARG A 263 -6.32 -0.51 0.17
N LEU A 264 -5.54 -1.33 -0.52
CA LEU A 264 -6.10 -2.47 -1.26
C LEU A 264 -6.87 -3.40 -0.33
N LEU A 265 -6.27 -3.75 0.81
CA LEU A 265 -6.94 -4.60 1.79
C LEU A 265 -8.25 -3.98 2.31
N LYS A 266 -8.19 -2.70 2.65
CA LYS A 266 -9.35 -1.94 3.13
C LYS A 266 -10.54 -2.08 2.16
N VAL A 267 -10.29 -1.85 0.87
CA VAL A 267 -11.33 -1.94 -0.17
C VAL A 267 -11.79 -3.39 -0.31
N LYS A 268 -10.84 -4.32 -0.44
CA LYS A 268 -11.16 -5.71 -0.65
C LYS A 268 -11.98 -6.30 0.50
N HIS A 269 -11.64 -5.93 1.73
CA HIS A 269 -12.36 -6.51 2.85
C HIS A 269 -13.42 -5.53 3.41
N ASP A 270 -13.58 -4.38 2.75
CA ASP A 270 -14.61 -3.43 3.17
C ASP A 270 -14.46 -2.99 4.64
N PHE A 271 -13.22 -2.86 5.11
CA PHE A 271 -12.93 -2.28 6.43
C PHE A 271 -13.29 -0.79 6.40
N LYS A 272 -13.95 -0.24 7.42
CA LYS A 272 -14.28 1.18 7.30
C LYS A 272 -13.16 2.10 7.79
N ASN A 273 -12.23 1.54 8.54
CA ASN A 273 -11.03 2.28 8.92
C ASN A 273 -9.79 1.49 8.49
N ILE A 274 -8.83 2.17 7.87
CA ILE A 274 -7.58 1.56 7.36
C ILE A 274 -6.72 0.94 8.48
N LYS A 275 -6.93 1.35 9.72
CA LYS A 275 -6.17 0.70 10.82
C LYS A 275 -6.47 -0.79 10.93
N ARG A 276 -7.62 -1.24 10.43
CA ARG A 276 -7.91 -2.70 10.43
C ARG A 276 -7.01 -3.51 9.48
N ALA A 277 -6.31 -2.80 8.58
CA ALA A 277 -5.50 -3.42 7.52
C ALA A 277 -4.01 -3.25 7.79
N ALA A 278 -3.68 -2.54 8.86
CA ALA A 278 -2.31 -2.17 9.20
C ALA A 278 -1.57 -3.25 9.99
N ARG A 279 -0.23 -3.23 9.89
CA ARG A 279 0.61 -3.82 10.94
C ARG A 279 0.10 -3.26 12.23
N SER A 280 -0.23 -4.13 13.18
CA SER A 280 -0.94 -3.63 14.36
C SER A 280 -0.85 -4.61 15.51
N GLU A 281 -0.96 -4.12 16.73
CA GLU A 281 -1.23 -4.98 17.88
C GLU A 281 -2.73 -4.98 18.27
N SER A 282 -3.50 -4.11 17.64
CA SER A 282 -4.94 -3.90 17.94
C SER A 282 -5.90 -4.63 17.00
N TYR A 283 -5.40 -5.06 15.84
CA TYR A 283 -6.23 -5.77 14.88
C TYR A 283 -5.41 -6.83 14.21
N TYR A 284 -6.05 -7.98 13.96
CA TYR A 284 -5.44 -9.09 13.28
C TYR A 284 -6.40 -9.50 12.18
N ASN A 285 -5.98 -9.38 10.93
CA ASN A 285 -6.83 -9.64 9.77
C ASN A 285 -8.14 -8.90 9.92
N GLY A 286 -8.06 -7.66 10.41
CA GLY A 286 -9.25 -6.85 10.60
C GLY A 286 -10.12 -7.23 11.79
N ILE A 287 -9.68 -8.20 12.60
CA ILE A 287 -10.41 -8.59 13.82
C ILE A 287 -9.78 -7.94 15.04
N SER A 288 -10.59 -7.29 15.86
CA SER A 288 -10.05 -6.72 17.10
C SER A 288 -9.36 -7.78 17.91
N THR A 289 -8.17 -7.44 18.41
CA THR A 289 -7.45 -8.31 19.34
C THR A 289 -7.69 -7.94 20.82
N ASN A 290 -8.50 -6.91 21.07
CA ASN A 290 -8.91 -6.51 22.44
C ASN A 290 -10.26 -7.14 22.79
N LEU A 291 -10.23 -8.43 23.08
CA LEU A 291 -11.43 -9.27 23.23
C LEU A 291 -11.73 -9.66 24.68
#